data_7NK5
#
_entry.id   7NK5
#
_cell.length_a   82.433
_cell.length_b   112.239
_cell.length_c   62.535
_cell.angle_alpha   90.000
_cell.angle_beta   90.000
_cell.angle_gamma   90.000
#
_symmetry.space_group_name_H-M   'C 2 2 21'
#
loop_
_entity.id
_entity.type
_entity.pdbx_description
1 polymer '14-3-3 protein sigma'
2 polymer 'Transcription factor p65'
3 non-polymer 1-(4-methylphenyl)sulfonyl-4-(2-methylpropyl)piperazine
4 non-polymer 'CALCIUM ION'
5 non-polymer GLYCEROL
6 water water
#
loop_
_entity_poly.entity_id
_entity_poly.type
_entity_poly.pdbx_seq_one_letter_code
_entity_poly.pdbx_strand_id
1 'polypeptide(L)'
;GAMGSMERASLIQKAKLAEQAERYEDMAAFMKGAVEKGEELS(CSO)EERNLLSVAYKNVVGGQRAAWRVLSSIEQKSNE
EGSEEKGPEVREYREKVETELQGVCDTVLGLLDSHLIKEAGDAESRVFYLKMKGDYYRYLAEVATGDDKKRIIDSARSAY
QEAMDISKKEMPPTNPIRLGLALNFSVFHYEIANSPEEAISLAKTTFDEAMADLHTLSEDSYKDSTLIMQLLRDNLTLWT
ADNAGEEGGEAPQEPQS
;
A
2 'polypeptide(L)' EGRSAG(SEP)IPGRRS P
#
loop_
_chem_comp.id
_chem_comp.type
_chem_comp.name
_chem_comp.formula
CA non-polymer 'CALCIUM ION' 'Ca 2'
GOL non-polymer GLYCEROL 'C3 H8 O3'
UGN non-polymer 1-(4-methylphenyl)sulfonyl-4-(2-methylpropyl)piperazine 'C15 H24 N2 O2 S'
#
# COMPACT_ATOMS: atom_id res chain seq x y z
N ALA A 2 7.11 -21.86 6.87
CA ALA A 2 6.32 -22.94 6.29
C ALA A 2 6.75 -23.24 4.86
N MET A 3 7.34 -22.26 4.19
CA MET A 3 7.86 -22.43 2.83
C MET A 3 9.35 -22.68 2.83
N GLY A 4 9.93 -23.00 3.98
CA GLY A 4 11.37 -23.14 4.08
C GLY A 4 11.98 -24.22 3.21
N SER A 5 11.22 -25.25 2.87
N SER A 5 11.20 -25.24 2.85
CA SER A 5 11.79 -26.31 2.04
CA SER A 5 11.74 -26.32 2.04
C SER A 5 11.63 -26.08 0.55
C SER A 5 11.62 -26.07 0.54
N MET A 6 10.96 -25.01 0.11
CA MET A 6 10.77 -24.77 -1.30
C MET A 6 11.82 -23.79 -1.81
N GLU A 7 12.34 -24.07 -2.99
CA GLU A 7 13.33 -23.16 -3.60
C GLU A 7 12.76 -21.76 -3.80
N ARG A 8 13.63 -20.76 -3.62
CA ARG A 8 13.23 -19.39 -3.91
C ARG A 8 12.61 -19.25 -5.29
N ALA A 9 13.23 -19.81 -6.31
CA ALA A 9 12.75 -19.58 -7.66
C ALA A 9 11.38 -20.24 -7.85
N SER A 10 11.17 -21.38 -7.18
CA SER A 10 9.87 -22.07 -7.24
C SER A 10 8.78 -21.28 -6.53
N LEU A 11 9.13 -20.62 -5.41
CA LEU A 11 8.15 -19.75 -4.74
C LEU A 11 7.74 -18.60 -5.66
N ILE A 12 8.72 -18.00 -6.33
N ILE A 12 8.69 -18.02 -6.38
CA ILE A 12 8.42 -16.89 -7.24
CA ILE A 12 8.34 -16.90 -7.23
C ILE A 12 7.54 -17.36 -8.39
C ILE A 12 7.54 -17.35 -8.44
N GLN A 13 7.90 -18.51 -9.00
CA GLN A 13 7.08 -19.07 -10.08
C GLN A 13 5.65 -19.35 -9.62
N LYS A 14 5.50 -19.95 -8.42
CA LYS A 14 4.16 -20.25 -7.90
C LYS A 14 3.42 -18.99 -7.53
N ALA A 15 4.11 -17.91 -7.10
CA ALA A 15 3.38 -16.66 -6.84
C ALA A 15 2.79 -16.12 -8.14
N LYS A 16 3.52 -16.26 -9.25
CA LYS A 16 2.98 -15.79 -10.53
C LYS A 16 1.80 -16.63 -10.98
N LEU A 17 1.89 -17.93 -10.78
CA LEU A 17 0.74 -18.82 -11.06
C LEU A 17 -0.45 -18.47 -10.19
N ALA A 18 -0.20 -18.24 -8.88
CA ALA A 18 -1.30 -17.91 -7.99
C ALA A 18 -1.98 -16.60 -8.40
N GLU A 19 -1.20 -15.62 -8.85
CA GLU A 19 -1.82 -14.40 -9.39
C GLU A 19 -2.75 -14.72 -10.56
N GLN A 20 -2.29 -15.56 -11.49
CA GLN A 20 -3.10 -15.88 -12.67
C GLN A 20 -4.37 -16.59 -12.27
N ALA A 21 -4.31 -17.42 -11.20
CA ALA A 21 -5.44 -18.16 -10.69
C ALA A 21 -6.29 -17.34 -9.71
N GLU A 22 -5.91 -16.09 -9.45
CA GLU A 22 -6.62 -15.22 -8.49
C GLU A 22 -6.65 -15.84 -7.10
N ARG A 23 -5.55 -16.48 -6.74
CA ARG A 23 -5.35 -17.12 -5.46
C ARG A 23 -4.40 -16.24 -4.66
N TYR A 24 -4.92 -15.14 -4.13
CA TYR A 24 -4.04 -14.14 -3.56
C TYR A 24 -3.50 -14.49 -2.18
N GLU A 25 -4.26 -15.21 -1.37
N GLU A 25 -4.27 -15.21 -1.37
CA GLU A 25 -3.70 -15.74 -0.13
CA GLU A 25 -3.72 -15.73 -0.13
C GLU A 25 -2.50 -16.65 -0.40
C GLU A 25 -2.52 -16.64 -0.39
N ASP A 26 -2.64 -17.56 -1.35
CA ASP A 26 -1.51 -18.39 -1.73
C ASP A 26 -0.36 -17.53 -2.24
N MET A 27 -0.68 -16.56 -3.11
CA MET A 27 0.35 -15.70 -3.67
C MET A 27 1.13 -15.03 -2.53
N ALA A 28 0.43 -14.50 -1.52
CA ALA A 28 1.10 -13.82 -0.43
C ALA A 28 1.96 -14.78 0.38
N ALA A 29 1.47 -16.00 0.60
CA ALA A 29 2.27 -16.96 1.33
C ALA A 29 3.54 -17.35 0.54
N PHE A 30 3.45 -17.52 -0.79
CA PHE A 30 4.64 -17.80 -1.59
C PHE A 30 5.61 -16.63 -1.51
N MET A 31 5.10 -15.38 -1.60
CA MET A 31 6.04 -14.26 -1.58
C MET A 31 6.62 -14.02 -0.19
N LYS A 32 5.87 -14.28 0.88
CA LYS A 32 6.46 -14.28 2.22
C LYS A 32 7.60 -15.28 2.31
N GLY A 33 7.36 -16.50 1.81
CA GLY A 33 8.44 -17.50 1.77
C GLY A 33 9.64 -17.00 1.00
N ALA A 34 9.41 -16.34 -0.14
CA ALA A 34 10.54 -15.84 -0.92
C ALA A 34 11.30 -14.76 -0.15
N VAL A 35 10.61 -13.83 0.50
CA VAL A 35 11.31 -12.81 1.28
C VAL A 35 12.14 -13.46 2.36
N GLU A 36 11.58 -14.47 3.01
CA GLU A 36 12.26 -15.10 4.13
C GLU A 36 13.49 -15.90 3.71
N LYS A 37 13.72 -16.08 2.42
CA LYS A 37 14.99 -16.65 1.99
C LYS A 37 16.16 -15.73 2.31
N GLY A 38 15.89 -14.44 2.52
CA GLY A 38 16.91 -13.52 2.98
C GLY A 38 17.58 -12.70 1.90
N GLU A 39 17.34 -12.99 0.63
CA GLU A 39 17.94 -12.22 -0.46
C GLU A 39 17.07 -10.99 -0.73
N GLU A 40 17.69 -9.94 -1.24
CA GLU A 40 16.91 -8.79 -1.70
C GLU A 40 15.98 -9.21 -2.85
N LEU A 41 14.95 -8.41 -3.10
CA LEU A 41 13.95 -8.65 -4.14
C LEU A 41 14.25 -7.77 -5.34
N SER A 42 14.06 -8.31 -6.52
CA SER A 42 14.10 -7.51 -7.73
C SER A 42 12.85 -6.62 -7.85
N CSO A 43 12.81 -5.77 -8.87
N CSO A 43 12.79 -5.76 -8.87
CA CSO A 43 11.68 -4.91 -9.09
CA CSO A 43 11.64 -4.90 -9.05
CB CSO A 43 11.99 -4.09 -10.35
CB CSO A 43 11.96 -3.89 -10.18
SG CSO A 43 10.66 -2.98 -10.75
SG CSO A 43 10.53 -2.94 -10.74
C CSO A 43 10.42 -5.75 -9.27
C CSO A 43 10.37 -5.72 -9.32
O CSO A 43 9.39 -5.51 -8.63
O CSO A 43 9.30 -5.44 -8.76
OD CSO A 43 9.53 -3.87 -11.84
OD CSO A 43 10.37 -1.44 -9.82
N GLU A 44 10.48 -6.76 -10.14
CA GLU A 44 9.32 -7.57 -10.43
C GLU A 44 8.87 -8.34 -9.15
N GLU A 45 9.85 -8.85 -8.39
CA GLU A 45 9.51 -9.57 -7.15
C GLU A 45 8.87 -8.64 -6.11
N ARG A 46 9.34 -7.39 -6.02
CA ARG A 46 8.70 -6.42 -5.12
C ARG A 46 7.26 -6.21 -5.51
N ASN A 47 6.99 -6.10 -6.80
CA ASN A 47 5.63 -5.93 -7.26
C ASN A 47 4.80 -7.15 -6.94
N LEU A 48 5.36 -8.37 -7.08
CA LEU A 48 4.56 -9.53 -6.70
C LEU A 48 4.20 -9.52 -5.22
N LEU A 49 5.15 -9.21 -4.37
CA LEU A 49 4.89 -9.11 -2.94
C LEU A 49 3.76 -8.11 -2.67
N SER A 50 3.87 -6.91 -3.28
CA SER A 50 2.89 -5.87 -3.00
C SER A 50 1.52 -6.23 -3.54
N VAL A 51 1.43 -6.78 -4.74
CA VAL A 51 0.14 -7.14 -5.31
C VAL A 51 -0.54 -8.19 -4.44
N ALA A 52 0.22 -9.18 -3.99
CA ALA A 52 -0.36 -10.27 -3.22
C ALA A 52 -1.01 -9.71 -1.96
N TYR A 53 -0.25 -8.97 -1.16
CA TYR A 53 -0.78 -8.47 0.11
C TYR A 53 -1.83 -7.39 -0.11
N LYS A 54 -1.74 -6.62 -1.19
CA LYS A 54 -2.77 -5.61 -1.39
C LYS A 54 -4.09 -6.28 -1.65
N ASN A 55 -4.11 -7.37 -2.39
CA ASN A 55 -5.34 -8.07 -2.63
C ASN A 55 -5.86 -8.73 -1.37
N VAL A 56 -4.99 -9.33 -0.56
CA VAL A 56 -5.44 -9.98 0.66
C VAL A 56 -6.05 -8.95 1.60
N VAL A 57 -5.30 -7.88 1.90
N VAL A 57 -5.29 -7.89 1.91
CA VAL A 57 -5.81 -6.90 2.82
CA VAL A 57 -5.82 -6.87 2.82
C VAL A 57 -6.96 -6.13 2.20
C VAL A 57 -7.00 -6.15 2.19
N GLY A 58 -7.03 -6.01 0.86
CA GLY A 58 -8.13 -5.27 0.26
C GLY A 58 -9.45 -5.99 0.48
N GLY A 59 -9.43 -7.32 0.44
CA GLY A 59 -10.66 -8.06 0.70
C GLY A 59 -11.03 -7.95 2.16
N GLN A 60 -10.03 -7.97 3.06
CA GLN A 60 -10.32 -7.83 4.48
C GLN A 60 -10.90 -6.46 4.79
N ARG A 61 -10.34 -5.42 4.20
CA ARG A 61 -10.83 -4.06 4.43
C ARG A 61 -12.25 -3.91 3.92
N ALA A 62 -12.55 -4.45 2.77
CA ALA A 62 -13.89 -4.35 2.24
C ALA A 62 -14.88 -5.06 3.16
N ALA A 63 -14.50 -6.23 3.69
CA ALA A 63 -15.39 -6.95 4.60
C ALA A 63 -15.53 -6.21 5.92
N TRP A 64 -14.44 -5.65 6.45
CA TRP A 64 -14.51 -4.88 7.68
C TRP A 64 -15.43 -3.68 7.52
N ARG A 65 -15.41 -3.03 6.36
CA ARG A 65 -16.28 -1.88 6.15
C ARG A 65 -17.73 -2.30 6.12
N VAL A 66 -18.05 -3.43 5.48
CA VAL A 66 -19.44 -3.92 5.47
C VAL A 66 -19.91 -4.20 6.89
N LEU A 67 -19.09 -4.91 7.65
CA LEU A 67 -19.46 -5.27 9.01
C LEU A 67 -19.53 -4.05 9.91
N SER A 68 -18.59 -3.11 9.76
N SER A 68 -18.60 -3.11 9.78
CA SER A 68 -18.62 -1.89 10.59
CA SER A 68 -18.67 -1.90 10.61
C SER A 68 -19.88 -1.10 10.32
C SER A 68 -19.92 -1.11 10.32
N SER A 69 -20.32 -1.04 9.06
CA SER A 69 -21.55 -0.32 8.72
C SER A 69 -22.75 -0.99 9.36
N ILE A 70 -22.82 -2.31 9.31
CA ILE A 70 -23.94 -3.03 9.95
C ILE A 70 -23.93 -2.79 11.45
N GLU A 71 -22.74 -2.82 12.06
CA GLU A 71 -22.61 -2.62 13.49
C GLU A 71 -23.06 -1.21 13.89
N GLN A 72 -22.69 -0.21 13.09
CA GLN A 72 -23.08 1.17 13.37
C GLN A 72 -24.58 1.35 13.25
N LYS A 73 -25.21 0.71 12.26
CA LYS A 73 -26.66 0.78 12.14
C LYS A 73 -27.34 0.13 13.36
N SER A 74 -26.83 -1.01 13.82
CA SER A 74 -27.40 -1.69 14.98
C SER A 74 -27.25 -0.87 16.26
N ASN A 75 -26.35 0.10 16.29
CA ASN A 75 -26.17 0.96 17.45
C ASN A 75 -26.84 2.33 17.28
N GLU A 76 -27.88 2.41 16.46
CA GLU A 76 -28.58 3.67 16.24
C GLU A 76 -29.85 3.74 17.07
N GLY A 83 -27.78 -8.56 19.57
CA GLY A 83 -26.83 -9.43 20.26
C GLY A 83 -25.38 -9.08 19.96
N PRO A 84 -24.45 -9.87 20.49
CA PRO A 84 -23.02 -9.55 20.31
C PRO A 84 -22.46 -9.96 18.95
N GLU A 85 -23.23 -10.60 18.09
CA GLU A 85 -22.65 -11.31 16.95
C GLU A 85 -22.00 -10.37 15.95
N VAL A 86 -22.63 -9.23 15.64
CA VAL A 86 -22.04 -8.36 14.62
C VAL A 86 -20.70 -7.83 15.11
N ARG A 87 -20.67 -7.35 16.35
CA ARG A 87 -19.42 -6.88 16.91
C ARG A 87 -18.39 -7.99 16.97
N GLU A 88 -18.77 -9.19 17.43
CA GLU A 88 -17.82 -10.29 17.49
C GLU A 88 -17.23 -10.59 16.13
N TYR A 89 -18.06 -10.62 15.10
CA TYR A 89 -17.56 -10.99 13.78
C TYR A 89 -16.74 -9.84 13.18
N ARG A 90 -17.16 -8.59 13.39
CA ARG A 90 -16.33 -7.47 12.95
C ARG A 90 -14.97 -7.53 13.64
N GLU A 91 -14.95 -7.89 14.92
CA GLU A 91 -13.69 -8.02 15.66
C GLU A 91 -12.84 -9.14 15.09
N LYS A 92 -13.45 -10.25 14.69
N LYS A 92 -13.45 -10.25 14.69
CA LYS A 92 -12.68 -11.35 14.13
CA LYS A 92 -12.69 -11.35 14.13
C LYS A 92 -12.01 -10.92 12.83
C LYS A 92 -12.01 -10.93 12.83
N VAL A 93 -12.77 -10.28 11.94
CA VAL A 93 -12.20 -9.80 10.68
C VAL A 93 -11.14 -8.76 10.95
N GLU A 94 -11.37 -7.88 11.91
CA GLU A 94 -10.42 -6.84 12.25
C GLU A 94 -9.10 -7.45 12.75
N THR A 95 -9.18 -8.47 13.59
CA THR A 95 -7.97 -9.09 14.11
C THR A 95 -7.20 -9.77 12.97
N GLU A 96 -7.91 -10.39 12.03
N GLU A 96 -7.91 -10.40 12.05
CA GLU A 96 -7.24 -11.04 10.91
CA GLU A 96 -7.26 -11.04 10.92
C GLU A 96 -6.57 -10.01 10.00
C GLU A 96 -6.56 -10.00 10.06
N LEU A 97 -7.24 -8.89 9.78
CA LEU A 97 -6.65 -7.80 9.01
C LEU A 97 -5.39 -7.26 9.70
N GLN A 98 -5.46 -7.03 11.01
CA GLN A 98 -4.31 -6.55 11.74
C GLN A 98 -3.18 -7.54 11.67
N GLY A 99 -3.50 -8.84 11.69
CA GLY A 99 -2.44 -9.83 11.59
C GLY A 99 -1.72 -9.79 10.26
N VAL A 100 -2.47 -9.59 9.18
CA VAL A 100 -1.84 -9.48 7.85
C VAL A 100 -0.98 -8.22 7.79
N CYS A 101 -1.48 -7.08 8.30
CA CYS A 101 -0.68 -5.89 8.27
C CYS A 101 0.59 -6.07 9.09
N ASP A 102 0.48 -6.68 10.27
CA ASP A 102 1.67 -6.94 11.09
C ASP A 102 2.65 -7.86 10.38
N THR A 103 2.14 -8.84 9.63
CA THR A 103 3.04 -9.72 8.89
C THR A 103 3.83 -8.93 7.85
N VAL A 104 3.14 -8.09 7.09
CA VAL A 104 3.81 -7.30 6.04
C VAL A 104 4.81 -6.37 6.68
N LEU A 105 4.41 -5.66 7.75
CA LEU A 105 5.31 -4.78 8.42
C LEU A 105 6.52 -5.53 8.96
N GLY A 106 6.31 -6.76 9.41
CA GLY A 106 7.44 -7.52 9.92
C GLY A 106 8.41 -7.93 8.82
N LEU A 107 7.91 -8.23 7.62
CA LEU A 107 8.82 -8.49 6.50
C LEU A 107 9.63 -7.24 6.15
N LEU A 108 8.96 -6.08 6.15
CA LEU A 108 9.68 -4.86 5.83
C LEU A 108 10.75 -4.57 6.88
N ASP A 109 10.47 -4.84 8.14
CA ASP A 109 11.42 -4.61 9.20
C ASP A 109 12.47 -5.70 9.35
N SER A 110 12.23 -6.89 8.81
CA SER A 110 13.15 -8.03 8.98
C SER A 110 13.21 -8.77 7.66
N HIS A 111 13.96 -8.28 6.68
CA HIS A 111 14.90 -7.13 6.78
C HIS A 111 14.90 -6.30 5.50
N LEU A 112 13.73 -6.19 4.85
CA LEU A 112 13.73 -5.62 3.50
C LEU A 112 14.19 -4.16 3.47
N ILE A 113 13.69 -3.31 4.39
CA ILE A 113 14.05 -1.90 4.35
C ILE A 113 15.53 -1.70 4.61
N LYS A 114 16.06 -2.34 5.66
CA LYS A 114 17.44 -2.04 6.02
C LYS A 114 18.41 -2.46 4.93
N GLU A 115 18.07 -3.44 4.11
CA GLU A 115 18.95 -3.86 3.04
C GLU A 115 18.75 -3.09 1.74
N ALA A 116 17.72 -2.22 1.69
CA ALA A 116 17.35 -1.53 0.45
C ALA A 116 18.14 -0.23 0.35
N GLY A 117 19.08 -0.18 -0.57
CA GLY A 117 19.95 0.99 -0.71
C GLY A 117 19.59 1.84 -1.91
N ASP A 118 19.11 1.21 -2.96
CA ASP A 118 18.77 2.01 -4.11
C ASP A 118 17.46 2.72 -3.85
N ALA A 119 17.33 3.91 -4.44
CA ALA A 119 16.14 4.70 -4.16
C ALA A 119 14.87 3.97 -4.57
N GLU A 120 14.89 3.22 -5.68
CA GLU A 120 13.68 2.57 -6.16
C GLU A 120 13.20 1.53 -5.18
N SER A 121 14.12 0.77 -4.59
CA SER A 121 13.68 -0.24 -3.63
C SER A 121 13.30 0.41 -2.31
N ARG A 122 14.10 1.35 -1.81
CA ARG A 122 13.84 1.93 -0.50
C ARG A 122 12.53 2.70 -0.49
N VAL A 123 12.29 3.50 -1.52
CA VAL A 123 11.00 4.21 -1.61
C VAL A 123 9.85 3.23 -1.68
N PHE A 124 9.98 2.17 -2.51
CA PHE A 124 8.90 1.19 -2.62
C PHE A 124 8.55 0.61 -1.26
N TYR A 125 9.55 0.19 -0.49
CA TYR A 125 9.29 -0.45 0.79
C TYR A 125 8.75 0.53 1.81
N LEU A 126 9.25 1.76 1.83
CA LEU A 126 8.74 2.75 2.77
C LEU A 126 7.31 3.15 2.44
N LYS A 127 6.97 3.22 1.16
CA LYS A 127 5.56 3.43 0.77
C LYS A 127 4.70 2.28 1.27
N MET A 128 5.18 1.02 1.10
CA MET A 128 4.43 -0.10 1.68
C MET A 128 4.25 0.05 3.19
N LYS A 129 5.31 0.45 3.90
CA LYS A 129 5.22 0.61 5.33
C LYS A 129 4.16 1.64 5.67
N GLY A 130 4.14 2.77 4.94
CA GLY A 130 3.09 3.77 5.18
C GLY A 130 1.71 3.21 4.91
N ASP A 131 1.54 2.47 3.83
CA ASP A 131 0.25 1.89 3.47
C ASP A 131 -0.26 0.94 4.54
N TYR A 132 0.62 0.05 5.05
CA TYR A 132 0.10 -0.95 6.00
C TYR A 132 -0.14 -0.34 7.37
N TYR A 133 0.63 0.69 7.76
CA TYR A 133 0.21 1.42 8.95
C TYR A 133 -1.08 2.18 8.70
N ARG A 134 -1.29 2.70 7.50
CA ARG A 134 -2.55 3.36 7.19
C ARG A 134 -3.73 2.39 7.32
N TYR A 135 -3.58 1.15 6.83
CA TYR A 135 -4.66 0.18 7.00
C TYR A 135 -4.88 -0.14 8.47
N LEU A 136 -3.81 -0.26 9.27
CA LEU A 136 -4.00 -0.38 10.72
C LEU A 136 -4.75 0.82 11.28
N ALA A 137 -4.45 2.04 10.79
CA ALA A 137 -5.08 3.26 11.33
C ALA A 137 -6.57 3.25 11.02
N GLU A 138 -6.96 2.70 9.87
CA GLU A 138 -8.37 2.70 9.48
C GLU A 138 -9.24 2.01 10.51
N VAL A 139 -8.70 1.01 11.23
CA VAL A 139 -9.45 0.22 12.21
C VAL A 139 -9.10 0.56 13.63
N ALA A 140 -8.15 1.45 13.85
CA ALA A 140 -7.71 1.76 15.21
C ALA A 140 -8.64 2.78 15.86
N THR A 141 -8.74 2.68 17.19
CA THR A 141 -9.61 3.57 17.96
C THR A 141 -8.86 4.15 19.16
N GLY A 142 -8.65 5.46 19.13
CA GLY A 142 -8.18 6.19 20.32
C GLY A 142 -6.75 6.69 20.28
N ASP A 143 -6.03 6.53 21.40
CA ASP A 143 -4.60 6.87 21.46
C ASP A 143 -3.78 5.89 20.62
N ASP A 144 -4.16 4.62 20.62
CA ASP A 144 -3.55 3.68 19.69
C ASP A 144 -3.55 4.27 18.29
N LYS A 145 -4.67 4.87 17.90
CA LYS A 145 -4.76 5.45 16.57
C LYS A 145 -3.69 6.51 16.38
N LYS A 146 -3.42 7.33 17.41
CA LYS A 146 -2.44 8.39 17.24
C LYS A 146 -1.07 7.86 16.88
N ARG A 147 -0.58 6.85 17.61
CA ARG A 147 0.77 6.40 17.37
C ARG A 147 0.85 5.66 16.03
N ILE A 148 -0.22 4.96 15.67
CA ILE A 148 -0.24 4.26 14.39
C ILE A 148 -0.24 5.28 13.26
N ILE A 149 -1.03 6.35 13.37
CA ILE A 149 -1.05 7.41 12.40
C ILE A 149 0.32 8.02 12.25
N ASP A 150 1.03 8.23 13.36
CA ASP A 150 2.33 8.84 13.22
C ASP A 150 3.32 7.91 12.54
N SER A 151 3.20 6.61 12.79
CA SER A 151 4.07 5.66 12.10
C SER A 151 3.82 5.66 10.60
N ALA A 152 2.55 5.76 10.17
CA ALA A 152 2.28 5.86 8.73
C ALA A 152 2.90 7.14 8.18
N ARG A 153 2.66 8.25 8.87
N ARG A 153 2.66 8.26 8.87
CA ARG A 153 3.15 9.54 8.40
CA ARG A 153 3.16 9.54 8.39
C ARG A 153 4.67 9.52 8.27
C ARG A 153 4.67 9.52 8.27
N SER A 154 5.35 8.97 9.26
CA SER A 154 6.80 8.98 9.26
C SER A 154 7.36 8.15 8.11
N ALA A 155 6.75 6.99 7.83
CA ALA A 155 7.20 6.16 6.70
C ALA A 155 6.99 6.88 5.35
N TYR A 156 5.76 7.42 5.17
CA TYR A 156 5.50 8.17 3.94
C TYR A 156 6.42 9.35 3.79
N GLN A 157 6.71 10.06 4.88
CA GLN A 157 7.54 11.25 4.78
C GLN A 157 8.95 10.88 4.38
N GLU A 158 9.51 9.81 4.97
CA GLU A 158 10.86 9.42 4.57
C GLU A 158 10.89 9.02 3.10
N ALA A 159 9.88 8.27 2.65
CA ALA A 159 9.80 7.90 1.23
C ALA A 159 9.69 9.13 0.35
N MET A 160 8.93 10.14 0.79
CA MET A 160 8.78 11.35 -0.01
C MET A 160 10.09 12.07 -0.12
N ASP A 161 10.80 12.17 1.00
CA ASP A 161 12.07 12.90 0.98
C ASP A 161 13.06 12.23 0.01
N ILE A 162 13.16 10.90 0.05
CA ILE A 162 14.07 10.22 -0.87
C ILE A 162 13.59 10.41 -2.31
N SER A 163 12.27 10.26 -2.54
CA SER A 163 11.76 10.30 -3.91
C SER A 163 12.01 11.66 -4.54
N LYS A 164 11.90 12.72 -3.76
CA LYS A 164 12.07 14.05 -4.35
C LYS A 164 13.52 14.33 -4.66
N LYS A 165 14.45 13.72 -3.93
CA LYS A 165 15.87 13.89 -4.22
C LYS A 165 16.37 12.97 -5.32
N GLU A 166 15.82 11.75 -5.44
CA GLU A 166 16.42 10.72 -6.26
C GLU A 166 15.63 10.29 -7.48
N MET A 167 14.37 10.69 -7.61
CA MET A 167 13.59 10.22 -8.76
C MET A 167 12.99 11.41 -9.49
N PRO A 168 12.73 11.26 -10.80
CA PRO A 168 12.06 12.33 -11.54
C PRO A 168 10.60 12.42 -11.12
N PRO A 169 9.97 13.56 -11.36
CA PRO A 169 8.60 13.74 -10.88
C PRO A 169 7.61 12.87 -11.59
N THR A 170 7.97 12.23 -12.70
CA THR A 170 7.05 11.31 -13.36
C THR A 170 7.26 9.86 -12.97
N ASN A 171 8.25 9.57 -12.13
CA ASN A 171 8.51 8.16 -11.80
C ASN A 171 7.24 7.55 -11.19
N PRO A 172 6.77 6.40 -11.69
CA PRO A 172 5.49 5.86 -11.20
C PRO A 172 5.48 5.52 -9.72
N ILE A 173 6.61 5.09 -9.14
CA ILE A 173 6.64 4.87 -7.69
C ILE A 173 6.48 6.18 -6.94
N ARG A 174 7.21 7.22 -7.38
CA ARG A 174 7.07 8.54 -6.78
C ARG A 174 5.64 9.04 -6.89
N LEU A 175 5.00 8.82 -8.03
CA LEU A 175 3.62 9.27 -8.20
C LEU A 175 2.66 8.49 -7.32
N GLY A 176 2.81 7.16 -7.27
CA GLY A 176 1.91 6.37 -6.44
C GLY A 176 2.11 6.66 -4.96
N LEU A 177 3.35 6.89 -4.54
CA LEU A 177 3.61 7.32 -3.16
C LEU A 177 2.88 8.61 -2.84
N ALA A 178 2.99 9.61 -3.72
CA ALA A 178 2.31 10.89 -3.47
C ALA A 178 0.81 10.72 -3.46
N LEU A 179 0.28 9.88 -4.38
CA LEU A 179 -1.16 9.61 -4.37
C LEU A 179 -1.57 9.04 -3.02
N ASN A 180 -0.86 8.01 -2.55
CA ASN A 180 -1.30 7.35 -1.33
C ASN A 180 -1.08 8.21 -0.10
N PHE A 181 -0.01 9.02 -0.08
CA PHE A 181 0.18 9.96 1.04
C PHE A 181 -0.92 11.01 1.04
N SER A 182 -1.38 11.44 -0.15
N SER A 182 -1.34 11.44 -0.15
CA SER A 182 -2.49 12.38 -0.19
CA SER A 182 -2.46 12.36 -0.24
C SER A 182 -3.75 11.75 0.35
C SER A 182 -3.72 11.75 0.34
N VAL A 183 -4.00 10.47 0.03
CA VAL A 183 -5.15 9.78 0.63
C VAL A 183 -5.00 9.68 2.13
N PHE A 184 -3.81 9.36 2.63
CA PHE A 184 -3.55 9.41 4.05
C PHE A 184 -3.96 10.76 4.65
N HIS A 185 -3.52 11.87 4.02
CA HIS A 185 -3.85 13.17 4.59
C HIS A 185 -5.35 13.37 4.62
N TYR A 186 -6.06 12.97 3.54
CA TYR A 186 -7.47 13.26 3.42
C TYR A 186 -8.29 12.38 4.35
N GLU A 187 -7.97 11.09 4.38
CA GLU A 187 -8.86 10.10 5.00
C GLU A 187 -8.47 9.76 6.42
N ILE A 188 -7.21 9.88 6.78
CA ILE A 188 -6.71 9.43 8.07
C ILE A 188 -6.34 10.61 8.95
N ALA A 189 -5.53 11.57 8.41
CA ALA A 189 -4.97 12.64 9.22
C ALA A 189 -5.87 13.86 9.32
N ASN A 190 -7.05 13.83 8.73
N ASN A 190 -7.06 13.82 8.73
CA ASN A 190 -7.98 14.97 8.79
CA ASN A 190 -8.00 14.94 8.78
C ASN A 190 -7.33 16.24 8.28
C ASN A 190 -7.35 16.24 8.27
N SER A 191 -6.57 16.11 7.20
CA SER A 191 -5.85 17.24 6.59
C SER A 191 -6.22 17.33 5.12
N PRO A 192 -7.48 17.60 4.79
CA PRO A 192 -7.86 17.64 3.36
C PRO A 192 -7.11 18.70 2.58
N GLU A 193 -6.79 19.84 3.17
CA GLU A 193 -6.05 20.84 2.40
C GLU A 193 -4.66 20.36 2.06
N GLU A 194 -3.98 19.64 2.96
CA GLU A 194 -2.67 19.08 2.67
C GLU A 194 -2.78 18.02 1.57
N ALA A 195 -3.86 17.24 1.61
CA ALA A 195 -4.10 16.23 0.57
C ALA A 195 -4.26 16.88 -0.79
N ILE A 196 -5.07 17.92 -0.88
CA ILE A 196 -5.30 18.62 -2.14
C ILE A 196 -4.02 19.28 -2.63
N SER A 197 -3.27 19.94 -1.74
N SER A 197 -3.30 19.95 -1.74
CA SER A 197 -2.03 20.61 -2.17
CA SER A 197 -2.06 20.60 -2.16
C SER A 197 -1.01 19.59 -2.68
C SER A 197 -1.08 19.57 -2.70
N LEU A 198 -0.90 18.45 -1.99
CA LEU A 198 0.06 17.45 -2.45
C LEU A 198 -0.37 16.87 -3.79
N ALA A 199 -1.63 16.54 -3.96
CA ALA A 199 -2.05 15.96 -5.23
C ALA A 199 -1.86 16.96 -6.37
N LYS A 200 -2.17 18.23 -6.14
CA LYS A 200 -2.04 19.24 -7.20
C LYS A 200 -0.58 19.47 -7.57
N THR A 201 0.28 19.65 -6.58
N THR A 201 0.28 19.66 -6.58
CA THR A 201 1.68 19.87 -6.85
CA THR A 201 1.69 19.89 -6.91
C THR A 201 2.30 18.66 -7.55
C THR A 201 2.34 18.66 -7.54
N THR A 202 1.92 17.46 -7.12
CA THR A 202 2.45 16.26 -7.75
C THR A 202 2.01 16.17 -9.20
N PHE A 203 0.73 16.45 -9.46
CA PHE A 203 0.21 16.39 -10.82
C PHE A 203 0.93 17.40 -11.71
N ASP A 204 1.07 18.63 -11.23
CA ASP A 204 1.64 19.70 -12.04
C ASP A 204 3.12 19.46 -12.32
N GLU A 205 3.85 18.96 -11.35
CA GLU A 205 5.25 18.73 -11.59
C GLU A 205 5.45 17.53 -12.51
N ALA A 206 4.55 16.55 -12.48
CA ALA A 206 4.64 15.46 -13.43
C ALA A 206 4.30 15.92 -14.83
N MET A 207 3.23 16.70 -14.97
CA MET A 207 2.86 17.21 -16.29
C MET A 207 4.03 17.88 -16.97
N ALA A 208 4.77 18.68 -16.24
CA ALA A 208 5.90 19.43 -16.78
C ALA A 208 7.10 18.58 -17.15
N ASP A 209 7.12 17.31 -16.73
CA ASP A 209 8.21 16.40 -17.04
C ASP A 209 7.81 15.35 -18.07
N LEU A 210 6.55 15.32 -18.50
CA LEU A 210 6.13 14.30 -19.46
C LEU A 210 6.91 14.36 -20.78
N HIS A 211 7.38 15.55 -21.17
CA HIS A 211 8.06 15.72 -22.46
C HIS A 211 9.32 14.88 -22.54
N THR A 212 9.84 14.44 -21.41
CA THR A 212 11.10 13.68 -21.36
C THR A 212 10.92 12.21 -21.60
N LEU A 213 9.70 11.71 -21.64
CA LEU A 213 9.38 10.30 -21.56
C LEU A 213 9.13 9.69 -22.93
N SER A 214 9.46 8.40 -23.03
CA SER A 214 9.02 7.57 -24.15
C SER A 214 7.52 7.37 -24.13
N GLU A 215 6.99 6.82 -25.23
CA GLU A 215 5.56 6.51 -25.30
C GLU A 215 5.14 5.59 -24.18
N ASP A 216 5.94 4.54 -23.89
CA ASP A 216 5.52 3.60 -22.86
C ASP A 216 5.60 4.20 -21.46
N SER A 217 6.65 4.97 -21.17
CA SER A 217 6.73 5.62 -19.87
C SER A 217 5.63 6.67 -19.72
N TYR A 218 5.33 7.38 -20.80
CA TYR A 218 4.24 8.35 -20.79
C TYR A 218 2.95 7.69 -20.38
N LYS A 219 2.67 6.50 -20.92
CA LYS A 219 1.44 5.82 -20.56
C LYS A 219 1.42 5.47 -19.07
N ASP A 220 2.56 5.00 -18.56
CA ASP A 220 2.64 4.60 -17.16
C ASP A 220 2.39 5.81 -16.26
N SER A 221 3.06 6.94 -16.55
CA SER A 221 2.92 8.10 -15.67
C SER A 221 1.54 8.74 -15.78
N THR A 222 1.00 8.88 -16.99
CA THR A 222 -0.29 9.53 -17.15
C THR A 222 -1.40 8.72 -16.50
N LEU A 223 -1.27 7.38 -16.46
N LEU A 223 -1.26 7.38 -16.44
CA LEU A 223 -2.28 6.59 -15.76
CA LEU A 223 -2.28 6.58 -15.77
C LEU A 223 -2.40 7.03 -14.30
C LEU A 223 -2.40 6.95 -14.28
N ILE A 224 -1.28 7.16 -13.61
CA ILE A 224 -1.33 7.53 -12.19
C ILE A 224 -1.71 8.98 -12.03
N MET A 225 -1.28 9.84 -12.95
CA MET A 225 -1.74 11.23 -12.88
C MET A 225 -3.24 11.33 -12.96
N GLN A 226 -3.89 10.44 -13.72
CA GLN A 226 -5.34 10.50 -13.82
C GLN A 226 -5.97 10.15 -12.48
N LEU A 227 -5.36 9.22 -11.74
CA LEU A 227 -5.84 8.91 -10.39
C LEU A 227 -5.71 10.13 -9.47
N LEU A 228 -4.60 10.88 -9.56
CA LEU A 228 -4.50 12.11 -8.77
C LEU A 228 -5.62 13.07 -9.15
N ARG A 229 -5.85 13.24 -10.46
CA ARG A 229 -6.91 14.13 -10.92
C ARG A 229 -8.27 13.64 -10.46
N ASP A 230 -8.50 12.33 -10.49
CA ASP A 230 -9.79 11.79 -10.03
C ASP A 230 -10.04 12.16 -8.58
N ASN A 231 -8.99 12.07 -7.74
CA ASN A 231 -9.17 12.46 -6.35
C ASN A 231 -9.38 13.95 -6.22
N LEU A 232 -8.61 14.75 -6.94
CA LEU A 232 -8.82 16.19 -6.89
C LEU A 232 -10.26 16.54 -7.28
N THR A 233 -10.81 15.84 -8.28
CA THR A 233 -12.20 16.13 -8.68
C THR A 233 -13.18 15.75 -7.57
N LEU A 234 -12.93 14.65 -6.87
CA LEU A 234 -13.78 14.28 -5.75
C LEU A 234 -13.64 15.23 -4.57
N TRP A 235 -12.45 15.83 -4.37
CA TRP A 235 -12.17 16.61 -3.18
C TRP A 235 -12.42 18.09 -3.35
N THR A 236 -12.62 18.56 -4.59
CA THR A 236 -12.80 19.99 -4.80
C THR A 236 -14.09 20.25 -5.55
N ALA B 5 -12.15 8.74 -2.17
CA ALA B 5 -10.72 8.91 -2.45
C ALA B 5 -10.09 7.56 -2.79
N GLY B 6 -9.39 7.48 -3.91
CA GLY B 6 -8.75 6.25 -4.29
C GLY B 6 -7.24 6.25 -4.15
N SEP B 7 -6.71 5.24 -3.46
CA SEP B 7 -5.28 4.97 -3.47
CB SEP B 7 -4.92 4.16 -2.22
OG SEP B 7 -5.68 2.93 -2.31
C SEP B 7 -4.92 4.18 -4.73
O SEP B 7 -5.80 3.79 -5.53
P SEP B 7 -5.69 2.04 -0.98
O1P SEP B 7 -6.44 0.73 -1.44
O2P SEP B 7 -6.47 2.79 0.11
O3P SEP B 7 -4.25 1.73 -0.59
N ILE B 8 -3.63 3.90 -4.91
CA ILE B 8 -3.19 3.06 -6.02
C ILE B 8 -3.92 1.71 -5.93
N PRO B 9 -4.61 1.30 -7.00
CA PRO B 9 -5.32 0.02 -6.96
C PRO B 9 -4.39 -1.10 -6.55
N GLY B 10 -3.30 -1.27 -7.29
CA GLY B 10 -2.21 -2.13 -6.85
C GLY B 10 -2.55 -3.60 -6.77
N ARG B 11 -3.62 -4.03 -7.45
CA ARG B 11 -4.11 -5.39 -7.33
C ARG B 11 -3.73 -6.29 -8.50
N ARG B 12 -3.02 -5.77 -9.51
CA ARG B 12 -2.65 -6.54 -10.70
C ARG B 12 -1.20 -6.25 -11.05
N SER B 13 -0.39 -7.32 -11.19
CA SER B 13 1.05 -7.18 -11.47
C SER B 13 1.26 -6.51 -12.84
C01 UGN C . -4.21 0.90 -12.55
C02 UGN C . -2.84 1.06 -11.88
C03 UGN C . -1.65 0.79 -12.78
C05 UGN C . 0.41 1.39 -12.86
C06 UGN C . 1.71 1.61 -12.11
C10 UGN C . 3.52 0.98 -9.23
C11 UGN C . 3.32 2.34 -8.94
C12 UGN C . 3.08 2.70 -7.61
C13 UGN C . 3.06 1.72 -6.64
C14 UGN C . 3.25 0.38 -6.95
C15 UGN C . 3.48 0.01 -8.24
C16 UGN C . 2.81 2.04 -5.17
C18 UGN C . 1.19 -0.32 -10.90
C19 UGN C . -0.16 -0.36 -11.63
C20 UGN C . -2.70 2.37 -11.11
N04 UGN C . -0.57 0.87 -12.08
N07 UGN C . 2.26 0.37 -11.61
O09 UGN C . 4.59 -0.79 -11.00
O17 UGN C . 4.70 1.37 -11.64
S08 UGN C . 3.82 0.45 -10.94
CA CA D . 18.15 -22.72 -2.94
C1 GOL E . -6.20 -17.30 -2.48
O1 GOL E . -5.44 -18.39 -2.18
C2 GOL E . -7.49 -17.04 -1.86
O2 GOL E . -8.48 -17.62 -2.62
C3 GOL E . -7.52 -15.45 -1.90
O3 GOL E . -7.86 -14.91 -3.21
#